data_7YIL
#
_entry.id   7YIL
#
_cell.length_a   67.410
_cell.length_b   67.410
_cell.length_c   236.560
_cell.angle_alpha   90.000
_cell.angle_beta   90.000
_cell.angle_gamma   120.000
#
_symmetry.space_group_name_H-M   'P 64 2 2'
#
loop_
_entity.id
_entity.type
_entity.pdbx_description
1 polymer GINS
2 water water
#
_entity_poly.entity_id   1
_entity_poly.type   'polypeptide(L)'
_entity_poly.pdbx_seq_one_letter_code
;FVITMYESLKNYFFEEIKNDKLLKLPDDFYDDIREYIKNIKDDIELERVKYYFKELRKLRIYKALYLDNERENLLPEELN
IIHAIENIVVELKIE
;
_entity_poly.pdbx_strand_id   A,B
#
# COMPACT_ATOMS: atom_id res chain seq x y z
N THR A 4 12.73 -10.00 -8.22
CA THR A 4 13.09 -10.76 -7.03
C THR A 4 13.09 -9.89 -5.77
N MET A 5 13.58 -8.66 -5.89
CA MET A 5 13.48 -7.72 -4.77
C MET A 5 12.03 -7.31 -4.54
N TYR A 6 11.28 -7.11 -5.62
CA TYR A 6 9.87 -6.79 -5.52
C TYR A 6 9.13 -7.78 -4.63
N GLU A 7 9.30 -9.07 -4.89
CA GLU A 7 8.62 -10.09 -4.10
C GLU A 7 9.14 -10.14 -2.66
N SER A 8 10.43 -9.85 -2.45
CA SER A 8 11.00 -9.94 -1.10
C SER A 8 10.42 -8.87 -0.18
N LEU A 9 10.35 -7.62 -0.65
CA LEU A 9 9.78 -6.55 0.17
C LEU A 9 8.31 -6.81 0.47
N LYS A 10 7.58 -7.40 -0.47
CA LYS A 10 6.19 -7.75 -0.20
C LYS A 10 6.08 -8.67 1.00
N ASN A 11 6.89 -9.74 1.01
CA ASN A 11 6.88 -10.69 2.12
C ASN A 11 7.14 -9.99 3.44
N TYR A 12 8.13 -9.10 3.47
CA TYR A 12 8.39 -8.35 4.70
C TYR A 12 7.21 -7.47 5.07
N PHE A 13 6.58 -6.87 4.05
CA PHE A 13 5.39 -6.06 4.29
C PHE A 13 4.25 -6.92 4.82
N PHE A 14 3.95 -8.03 4.14
CA PHE A 14 2.85 -8.90 4.58
C PHE A 14 3.16 -9.55 5.93
N GLU A 15 4.43 -9.73 6.27
CA GLU A 15 4.73 -10.25 7.60
C GLU A 15 4.52 -9.17 8.65
N GLU A 16 4.91 -7.93 8.32
CA GLU A 16 4.80 -6.83 9.27
C GLU A 16 3.34 -6.52 9.61
N ILE A 17 2.46 -6.53 8.61
CA ILE A 17 1.06 -6.22 8.84
C ILE A 17 0.35 -7.29 9.66
N LYS A 18 0.98 -8.47 9.82
CA LYS A 18 0.34 -9.56 10.52
C LYS A 18 0.47 -9.44 12.03
N ASN A 19 1.54 -8.82 12.52
CA ASN A 19 1.90 -8.91 13.92
C ASN A 19 1.80 -7.55 14.60
N ASP A 20 1.47 -7.58 15.89
CA ASP A 20 1.32 -6.36 16.68
C ASP A 20 2.66 -5.69 16.96
N LYS A 21 3.72 -6.48 17.10
CA LYS A 21 5.04 -5.97 17.48
C LYS A 21 5.87 -5.69 16.24
N LEU A 22 6.87 -4.82 16.40
CA LEU A 22 7.82 -4.57 15.33
C LEU A 22 8.62 -5.83 15.05
N LEU A 23 8.85 -6.12 13.78
CA LEU A 23 9.64 -7.29 13.40
C LEU A 23 11.12 -6.95 13.32
N LYS A 24 11.94 -7.95 13.62
CA LYS A 24 13.38 -7.76 13.48
C LYS A 24 13.74 -7.76 12.00
N LEU A 25 14.44 -6.73 11.57
CA LEU A 25 14.92 -6.74 10.20
C LEU A 25 16.41 -7.05 10.18
N PRO A 26 16.91 -7.67 9.11
CA PRO A 26 18.36 -7.86 9.02
C PRO A 26 19.06 -6.52 9.10
N ASP A 27 20.22 -6.52 9.76
CA ASP A 27 21.07 -5.35 9.71
C ASP A 27 21.32 -4.99 8.25
N ASP A 28 21.24 -3.69 7.95
CA ASP A 28 21.47 -3.15 6.61
C ASP A 28 20.37 -3.53 5.62
N PHE A 29 19.19 -3.87 6.13
CA PHE A 29 18.06 -4.21 5.28
C PHE A 29 17.79 -3.10 4.27
N TYR A 30 17.73 -1.84 4.73
CA TYR A 30 17.43 -0.75 3.82
C TYR A 30 18.64 -0.41 2.96
N ASP A 31 19.84 -0.51 3.52
CA ASP A 31 21.05 -0.26 2.73
C ASP A 31 21.17 -1.24 1.57
N ASP A 32 20.78 -2.51 1.80
CA ASP A 32 20.78 -3.48 0.71
C ASP A 32 19.78 -3.08 -0.37
N ILE A 33 18.62 -2.55 0.02
CA ILE A 33 17.67 -2.05 -0.97
C ILE A 33 18.28 -0.90 -1.76
N ARG A 34 19.01 -0.02 -1.07
CA ARG A 34 19.63 1.11 -1.78
C ARG A 34 20.66 0.62 -2.79
N GLU A 35 21.48 -0.38 -2.41
CA GLU A 35 22.50 -0.86 -3.32
C GLU A 35 21.89 -1.56 -4.52
N TYR A 36 20.77 -2.25 -4.33
CA TYR A 36 20.05 -2.86 -5.44
C TYR A 36 19.54 -1.80 -6.41
N ILE A 37 19.15 -0.63 -5.88
CA ILE A 37 18.62 0.43 -6.71
C ILE A 37 19.65 0.91 -7.72
N LYS A 38 20.92 0.98 -7.31
CA LYS A 38 21.96 1.40 -8.24
C LYS A 38 22.10 0.41 -9.39
N ASN A 39 21.98 -0.89 -9.07
CA ASN A 39 21.96 -1.93 -10.09
C ASN A 39 20.81 -1.74 -11.08
N ILE A 40 19.62 -1.44 -10.57
CA ILE A 40 18.40 -1.67 -11.35
C ILE A 40 18.45 -0.85 -12.63
N LYS A 41 17.96 -1.45 -13.71
CA LYS A 41 17.91 -0.80 -15.02
C LYS A 41 16.53 -0.95 -15.66
N ASP A 42 15.48 -1.05 -14.89
CA ASP A 42 14.15 -1.32 -15.45
C ASP A 42 13.08 -0.68 -14.55
N ASP A 43 12.60 0.51 -14.95
CA ASP A 43 11.58 1.33 -14.30
C ASP A 43 10.43 0.52 -13.70
N ILE A 44 10.11 -0.60 -14.33
CA ILE A 44 9.02 -1.47 -13.89
C ILE A 44 9.21 -1.93 -12.43
N GLU A 45 10.26 -2.72 -12.17
CA GLU A 45 10.49 -3.14 -10.79
C GLU A 45 10.84 -1.97 -9.88
N LEU A 46 11.35 -0.87 -10.43
CA LEU A 46 11.75 0.26 -9.61
C LEU A 46 10.56 0.85 -8.87
N GLU A 47 9.46 1.11 -9.58
CA GLU A 47 8.30 1.71 -8.94
C GLU A 47 7.70 0.78 -7.90
N ARG A 48 7.74 -0.53 -8.17
CA ARG A 48 7.22 -1.48 -7.19
C ARG A 48 8.08 -1.51 -5.93
N VAL A 49 9.41 -1.55 -6.10
CA VAL A 49 10.32 -1.47 -4.95
C VAL A 49 10.12 -0.17 -4.18
N LYS A 50 9.98 0.96 -4.88
CA LYS A 50 9.69 2.22 -4.20
C LYS A 50 8.38 2.14 -3.41
N TYR A 51 7.36 1.51 -3.99
CA TYR A 51 6.06 1.46 -3.32
C TYR A 51 6.14 0.66 -2.02
N TYR A 52 6.68 -0.56 -2.09
CA TYR A 52 6.70 -1.38 -0.88
C TYR A 52 7.74 -0.91 0.12
N PHE A 53 8.79 -0.21 -0.34
CA PHE A 53 9.70 0.48 0.59
C PHE A 53 8.95 1.52 1.40
N LYS A 54 8.17 2.37 0.71
CA LYS A 54 7.33 3.35 1.40
C LYS A 54 6.34 2.68 2.36
N GLU A 55 5.60 1.68 1.89
CA GLU A 55 4.50 1.14 2.70
C GLU A 55 5.01 0.41 3.94
N LEU A 56 6.08 -0.37 3.79
CA LEU A 56 6.66 -1.05 4.94
C LEU A 56 7.14 -0.06 5.99
N ARG A 57 7.80 1.01 5.56
CA ARG A 57 8.38 1.95 6.51
C ARG A 57 7.31 2.80 7.18
N LYS A 58 6.29 3.19 6.42
CA LYS A 58 5.13 3.89 7.02
C LYS A 58 4.54 3.06 8.15
N LEU A 59 4.33 1.76 7.92
CA LEU A 59 3.69 0.92 8.91
C LEU A 59 4.57 0.75 10.14
N ARG A 60 5.87 0.55 9.94
CA ARG A 60 6.77 0.37 11.07
C ARG A 60 6.89 1.63 11.91
N ILE A 61 6.92 2.79 11.27
CA ILE A 61 6.87 4.05 12.02
C ILE A 61 5.61 4.11 12.86
N TYR A 62 4.46 3.76 12.28
CA TYR A 62 3.20 3.77 13.03
C TYR A 62 3.24 2.83 14.22
N LYS A 63 3.81 1.63 14.03
CA LYS A 63 3.91 0.69 15.14
C LYS A 63 4.79 1.24 16.25
N ALA A 64 5.93 1.82 15.89
CA ALA A 64 6.82 2.38 16.91
C ALA A 64 6.17 3.57 17.61
N LEU A 65 5.36 4.36 16.88
CA LEU A 65 4.77 5.55 17.48
C LEU A 65 3.69 5.20 18.48
N TYR A 66 2.85 4.21 18.16
CA TYR A 66 1.64 3.98 18.93
C TYR A 66 1.46 2.56 19.45
N LEU A 67 2.10 1.56 18.86
CA LEU A 67 1.79 0.16 19.15
C LEU A 67 2.87 -0.57 19.94
N ASP A 68 4.13 -0.36 19.59
CA ASP A 68 5.25 -1.12 20.17
C ASP A 68 6.16 -0.13 20.89
N ASN A 69 6.04 -0.10 22.22
CA ASN A 69 6.94 0.74 23.03
C ASN A 69 8.38 0.27 22.91
N GLU A 70 8.57 -1.05 22.83
CA GLU A 70 9.91 -1.61 22.66
C GLU A 70 10.48 -1.24 21.30
N ARG A 71 11.76 -0.91 21.27
CA ARG A 71 12.35 -0.43 20.02
C ARG A 71 13.64 -1.17 19.67
N GLU A 72 13.84 -2.36 20.24
CA GLU A 72 15.04 -3.12 19.92
C GLU A 72 15.06 -3.57 18.47
N ASN A 73 13.89 -3.69 17.85
CA ASN A 73 13.80 -4.13 16.46
C ASN A 73 13.75 -2.98 15.47
N LEU A 74 13.86 -1.73 15.93
CA LEU A 74 14.00 -0.60 15.03
C LEU A 74 15.46 -0.51 14.57
N LEU A 75 15.66 -0.36 13.27
CA LEU A 75 17.03 -0.14 12.83
C LEU A 75 17.44 1.30 13.14
N PRO A 76 18.74 1.56 13.27
CA PRO A 76 19.17 2.92 13.66
C PRO A 76 18.52 4.03 12.83
N GLU A 77 18.44 3.86 11.50
CA GLU A 77 17.84 4.92 10.69
C GLU A 77 16.35 5.09 10.98
N GLU A 78 15.69 4.06 11.53
CA GLU A 78 14.29 4.20 11.90
C GLU A 78 14.14 4.86 13.26
N LEU A 79 14.97 4.45 14.23
CA LEU A 79 15.01 5.13 15.52
C LEU A 79 15.32 6.62 15.35
N ASN A 80 16.18 6.96 14.38
CA ASN A 80 16.49 8.37 14.16
C ASN A 80 15.27 9.15 13.70
N ILE A 81 14.42 8.52 12.89
CA ILE A 81 13.18 9.19 12.49
C ILE A 81 12.23 9.33 13.66
N ILE A 82 12.09 8.27 14.47
CA ILE A 82 11.22 8.35 15.65
C ILE A 82 11.68 9.47 16.57
N HIS A 83 12.99 9.54 16.83
CA HIS A 83 13.56 10.57 17.67
C HIS A 83 13.31 11.98 17.11
N ALA A 84 13.49 12.17 15.81
CA ALA A 84 13.23 13.48 15.23
C ALA A 84 11.75 13.86 15.36
N ILE A 85 10.86 12.87 15.33
CA ILE A 85 9.45 13.13 15.53
C ILE A 85 9.18 13.54 16.97
N GLU A 86 9.71 12.77 17.92
CA GLU A 86 9.22 12.84 19.29
C GLU A 86 9.96 13.84 20.16
N ASN A 87 11.26 14.08 19.91
CA ASN A 87 12.10 14.81 20.84
C ASN A 87 12.29 16.27 20.41
N ILE A 88 12.35 17.15 21.40
CA ILE A 88 12.63 18.57 21.16
C ILE A 88 14.15 18.76 20.98
N VAL A 89 14.54 19.19 19.79
CA VAL A 89 15.94 19.50 19.47
C VAL A 89 16.09 21.01 19.41
N VAL A 90 17.01 21.58 20.21
CA VAL A 90 17.23 23.02 20.19
C VAL A 90 18.67 23.29 19.76
N GLU A 91 18.82 24.26 18.86
CA GLU A 91 20.13 24.67 18.36
C GLU A 91 20.53 25.96 19.04
N LEU A 92 21.74 25.97 19.62
CA LEU A 92 22.29 27.14 20.29
C LEU A 92 23.22 27.86 19.34
N LYS A 93 23.07 29.17 19.22
CA LYS A 93 23.86 29.98 18.33
C LYS A 93 24.62 31.03 19.12
N ILE A 94 25.62 31.64 18.47
CA ILE A 94 26.42 32.65 19.15
C ILE A 94 25.63 33.94 19.30
N GLU A 95 24.91 34.34 18.24
CA GLU A 95 24.04 35.52 18.28
C GLU A 95 24.72 36.77 18.80
N PHE B 1 -10.16 9.15 14.86
CA PHE B 1 -9.86 8.72 13.49
C PHE B 1 -10.06 7.21 13.44
N VAL B 2 -9.42 6.51 12.49
CA VAL B 2 -9.44 5.04 12.52
C VAL B 2 -8.04 4.59 12.11
N ILE B 3 -7.90 3.33 11.63
CA ILE B 3 -6.62 2.67 11.36
C ILE B 3 -6.09 2.90 9.95
N THR B 4 -4.76 2.99 9.87
CA THR B 4 -3.92 2.86 8.68
C THR B 4 -4.57 2.21 7.46
N MET B 5 -4.80 0.89 7.50
CA MET B 5 -5.21 0.21 6.27
C MET B 5 -6.67 0.50 5.96
N TYR B 6 -7.51 0.63 7.00
CA TYR B 6 -8.85 1.15 6.78
C TYR B 6 -8.80 2.56 6.21
N GLU B 7 -8.04 3.45 6.85
CA GLU B 7 -8.03 4.84 6.42
C GLU B 7 -7.35 5.02 5.06
N SER B 8 -6.38 4.17 4.72
CA SER B 8 -5.78 4.23 3.39
C SER B 8 -6.83 3.96 2.32
N LEU B 9 -7.58 2.88 2.49
CA LEU B 9 -8.64 2.54 1.55
C LEU B 9 -9.73 3.61 1.55
N LYS B 10 -10.12 4.09 2.73
CA LYS B 10 -11.06 5.20 2.80
C LYS B 10 -10.55 6.40 2.01
N ASN B 11 -9.25 6.66 2.09
CA ASN B 11 -8.68 7.81 1.39
C ASN B 11 -8.67 7.60 -0.12
N TYR B 12 -8.42 6.37 -0.57
CA TYR B 12 -8.50 6.09 -2.00
C TYR B 12 -9.90 6.34 -2.53
N PHE B 13 -10.92 5.97 -1.74
CA PHE B 13 -12.30 6.23 -2.14
C PHE B 13 -12.57 7.72 -2.27
N PHE B 14 -12.26 8.48 -1.22
CA PHE B 14 -12.63 9.89 -1.19
C PHE B 14 -11.80 10.74 -2.14
N GLU B 15 -10.60 10.29 -2.52
CA GLU B 15 -9.91 10.95 -3.62
C GLU B 15 -10.55 10.61 -4.97
N GLU B 16 -11.08 9.40 -5.10
CA GLU B 16 -11.68 8.97 -6.37
C GLU B 16 -12.97 9.72 -6.68
N ILE B 17 -13.74 10.11 -5.65
CA ILE B 17 -14.96 10.89 -5.88
C ILE B 17 -14.63 12.29 -6.36
N LYS B 18 -13.55 12.89 -5.84
CA LYS B 18 -13.24 14.28 -6.14
C LYS B 18 -13.00 14.51 -7.61
N ASN B 19 -12.48 13.51 -8.32
CA ASN B 19 -11.97 13.68 -9.66
C ASN B 19 -12.85 12.91 -10.64
N ASP B 20 -13.01 13.46 -11.84
CA ASP B 20 -13.83 12.78 -12.84
C ASP B 20 -13.06 11.68 -13.56
N LYS B 21 -11.76 11.84 -13.71
CA LYS B 21 -10.97 10.84 -14.40
C LYS B 21 -10.62 9.70 -13.44
N LEU B 22 -10.30 8.55 -14.00
CA LEU B 22 -9.90 7.41 -13.18
C LEU B 22 -8.53 7.68 -12.54
N LEU B 23 -8.46 7.54 -11.22
CA LEU B 23 -7.19 7.73 -10.54
C LEU B 23 -6.31 6.49 -10.71
N LYS B 24 -5.02 6.68 -10.50
CA LYS B 24 -4.10 5.55 -10.58
C LYS B 24 -3.99 4.88 -9.22
N LEU B 25 -3.98 3.57 -9.23
CA LEU B 25 -3.80 2.73 -8.06
C LEU B 25 -2.45 2.02 -8.16
N PRO B 26 -1.87 1.60 -7.04
CA PRO B 26 -0.69 0.72 -7.13
C PRO B 26 -1.08 -0.60 -7.78
N ASP B 27 -0.09 -1.25 -8.40
CA ASP B 27 -0.36 -2.36 -9.32
C ASP B 27 -1.09 -3.50 -8.62
N ASP B 28 -0.67 -3.85 -7.40
CA ASP B 28 -1.23 -4.97 -6.67
C ASP B 28 -2.24 -4.52 -5.61
N PHE B 29 -2.84 -3.35 -5.80
CA PHE B 29 -3.71 -2.75 -4.80
C PHE B 29 -4.75 -3.74 -4.27
N TYR B 30 -5.57 -4.31 -5.16
CA TYR B 30 -6.66 -5.16 -4.69
C TYR B 30 -6.13 -6.46 -4.10
N ASP B 31 -5.09 -7.03 -4.71
CA ASP B 31 -4.48 -8.24 -4.19
C ASP B 31 -3.83 -8.01 -2.84
N ASP B 32 -3.21 -6.85 -2.63
CA ASP B 32 -2.70 -6.52 -1.30
C ASP B 32 -3.82 -6.47 -0.27
N ILE B 33 -4.96 -5.90 -0.65
CA ILE B 33 -6.12 -5.89 0.25
C ILE B 33 -6.54 -7.31 0.58
N ARG B 34 -6.58 -8.18 -0.43
CA ARG B 34 -6.98 -9.57 -0.22
C ARG B 34 -6.06 -10.29 0.74
N GLU B 35 -4.74 -10.08 0.60
CA GLU B 35 -3.80 -10.69 1.52
C GLU B 35 -3.99 -10.17 2.93
N TYR B 36 -4.23 -8.86 3.07
CA TYR B 36 -4.48 -8.28 4.39
C TYR B 36 -5.74 -8.87 5.03
N ILE B 37 -6.81 -9.03 4.23
CA ILE B 37 -8.05 -9.60 4.72
C ILE B 37 -7.82 -11.00 5.27
N LYS B 38 -6.93 -11.75 4.64
CA LYS B 38 -6.68 -13.14 5.03
C LYS B 38 -6.28 -13.25 6.51
N ASN B 39 -5.95 -12.15 7.18
CA ASN B 39 -5.46 -12.19 8.54
C ASN B 39 -6.07 -11.15 9.48
N ILE B 40 -7.16 -10.48 9.07
CA ILE B 40 -7.86 -9.60 10.00
C ILE B 40 -8.48 -10.41 11.12
N LYS B 41 -8.28 -9.95 12.35
CA LYS B 41 -8.89 -10.56 13.53
C LYS B 41 -10.06 -9.74 14.07
N ASP B 42 -10.36 -8.59 13.47
CA ASP B 42 -11.38 -7.65 13.94
C ASP B 42 -12.58 -7.71 12.98
N ASP B 43 -13.71 -8.17 13.49
CA ASP B 43 -14.90 -8.35 12.66
C ASP B 43 -15.47 -7.02 12.20
N ILE B 44 -15.43 -5.98 13.05
CA ILE B 44 -15.89 -4.66 12.63
C ILE B 44 -14.99 -4.13 11.52
N GLU B 45 -13.68 -4.27 11.68
CA GLU B 45 -12.77 -3.82 10.65
C GLU B 45 -13.02 -4.54 9.34
N LEU B 46 -13.30 -5.85 9.40
CA LEU B 46 -13.53 -6.62 8.17
C LEU B 46 -14.73 -6.07 7.41
N GLU B 47 -15.85 -5.86 8.11
CA GLU B 47 -17.03 -5.32 7.46
C GLU B 47 -16.77 -3.94 6.84
N ARG B 48 -16.02 -3.10 7.55
CA ARG B 48 -15.75 -1.76 7.02
C ARG B 48 -14.81 -1.81 5.83
N VAL B 49 -13.85 -2.73 5.84
CA VAL B 49 -12.99 -2.87 4.66
C VAL B 49 -13.78 -3.39 3.47
N LYS B 50 -14.69 -4.36 3.69
CA LYS B 50 -15.57 -4.80 2.61
C LYS B 50 -16.37 -3.64 2.04
N TYR B 51 -16.90 -2.77 2.89
CA TYR B 51 -17.70 -1.64 2.41
C TYR B 51 -16.90 -0.73 1.47
N TYR B 52 -15.72 -0.29 1.89
CA TYR B 52 -14.97 0.61 1.02
C TYR B 52 -14.35 -0.12 -0.17
N PHE B 53 -14.05 -1.41 -0.02
CA PHE B 53 -13.69 -2.23 -1.18
C PHE B 53 -14.81 -2.19 -2.23
N LYS B 54 -16.02 -2.55 -1.82
CA LYS B 54 -17.27 -2.31 -2.53
C LYS B 54 -17.30 -0.96 -3.23
N GLU B 55 -17.36 0.11 -2.43
CA GLU B 55 -17.73 1.42 -2.96
C GLU B 55 -16.69 1.96 -3.92
N LEU B 56 -15.41 1.71 -3.64
CA LEU B 56 -14.36 2.16 -4.55
C LEU B 56 -14.48 1.46 -5.89
N ARG B 57 -14.71 0.16 -5.88
CA ARG B 57 -14.81 -0.58 -7.13
C ARG B 57 -16.08 -0.23 -7.90
N LYS B 58 -17.22 -0.06 -7.20
CA LYS B 58 -18.44 0.39 -7.87
C LYS B 58 -18.19 1.73 -8.56
N LEU B 59 -17.53 2.65 -7.87
CA LEU B 59 -17.30 3.98 -8.43
C LEU B 59 -16.38 3.92 -9.65
N ARG B 60 -15.29 3.17 -9.55
CA ARG B 60 -14.33 3.12 -10.65
C ARG B 60 -14.92 2.43 -11.87
N ILE B 61 -15.76 1.41 -11.68
CA ILE B 61 -16.44 0.80 -12.82
C ILE B 61 -17.35 1.82 -13.49
N TYR B 62 -18.10 2.57 -12.69
CA TYR B 62 -19.00 3.57 -13.23
C TYR B 62 -18.23 4.63 -14.00
N LYS B 63 -17.07 5.05 -13.49
CA LYS B 63 -16.22 5.98 -14.21
C LYS B 63 -15.80 5.42 -15.55
N ALA B 64 -15.34 4.16 -15.57
CA ALA B 64 -14.87 3.57 -16.81
C ALA B 64 -16.00 3.37 -17.80
N LEU B 65 -17.22 3.18 -17.30
CA LEU B 65 -18.36 2.95 -18.19
C LEU B 65 -18.87 4.26 -18.80
N TYR B 66 -18.90 5.34 -18.02
CA TYR B 66 -19.65 6.53 -18.43
C TYR B 66 -18.89 7.85 -18.36
N LEU B 67 -17.75 7.94 -17.67
CA LEU B 67 -17.11 9.23 -17.43
C LEU B 67 -15.72 9.38 -18.05
N ASP B 68 -14.93 8.31 -18.11
CA ASP B 68 -13.54 8.37 -18.55
C ASP B 68 -13.36 7.37 -19.68
N ASN B 69 -13.13 7.87 -20.89
CA ASN B 69 -12.85 6.98 -22.02
C ASN B 69 -11.46 6.39 -21.86
N GLU B 70 -10.55 7.19 -21.32
CA GLU B 70 -9.20 6.73 -21.03
C GLU B 70 -9.24 5.65 -19.95
N ARG B 71 -8.59 4.52 -20.23
CA ARG B 71 -8.64 3.38 -19.33
C ARG B 71 -7.25 2.90 -18.91
N GLU B 72 -6.22 3.75 -19.08
CA GLU B 72 -4.88 3.37 -18.66
C GLU B 72 -4.81 3.16 -17.15
N ASN B 73 -5.65 3.85 -16.39
CA ASN B 73 -5.57 3.75 -14.93
C ASN B 73 -6.35 2.57 -14.37
N LEU B 74 -7.06 1.83 -15.22
CA LEU B 74 -7.71 0.60 -14.75
C LEU B 74 -6.66 -0.47 -14.48
N LEU B 75 -6.80 -1.13 -13.34
CA LEU B 75 -5.99 -2.31 -13.09
C LEU B 75 -6.51 -3.46 -13.95
N PRO B 76 -5.65 -4.46 -14.23
CA PRO B 76 -6.07 -5.52 -15.16
C PRO B 76 -7.35 -6.24 -14.73
N GLU B 77 -7.55 -6.47 -13.43
CA GLU B 77 -8.78 -7.13 -13.02
C GLU B 77 -9.98 -6.23 -13.23
N GLU B 78 -9.79 -4.91 -13.19
CA GLU B 78 -10.88 -3.98 -13.49
C GLU B 78 -11.20 -3.98 -14.97
N LEU B 79 -10.16 -4.05 -15.81
CA LEU B 79 -10.40 -4.03 -17.25
C LEU B 79 -11.12 -5.29 -17.69
N ASN B 80 -10.79 -6.43 -17.07
CA ASN B 80 -11.50 -7.68 -17.38
C ASN B 80 -12.98 -7.55 -17.09
N ILE B 81 -13.35 -6.83 -16.02
CA ILE B 81 -14.76 -6.64 -15.70
C ILE B 81 -15.43 -5.74 -16.74
N ILE B 82 -14.76 -4.65 -17.11
CA ILE B 82 -15.30 -3.79 -18.17
C ILE B 82 -15.50 -4.58 -19.45
N HIS B 83 -14.49 -5.38 -19.83
CA HIS B 83 -14.59 -6.17 -21.05
C HIS B 83 -15.77 -7.13 -20.97
N ALA B 84 -15.95 -7.77 -19.82
CA ALA B 84 -17.06 -8.72 -19.65
C ALA B 84 -18.41 -8.02 -19.80
N ILE B 85 -18.51 -6.79 -19.30
CA ILE B 85 -19.74 -6.01 -19.45
C ILE B 85 -19.99 -5.65 -20.91
N GLU B 86 -18.95 -5.18 -21.60
CA GLU B 86 -19.10 -4.47 -22.85
C GLU B 86 -19.02 -5.37 -24.07
N ASN B 87 -18.19 -6.41 -24.04
CA ASN B 87 -17.83 -7.14 -25.25
C ASN B 87 -18.71 -8.37 -25.41
N ILE B 88 -19.01 -8.71 -26.65
CA ILE B 88 -19.72 -9.93 -26.98
C ILE B 88 -18.70 -11.06 -26.99
N VAL B 89 -18.80 -11.97 -26.04
CA VAL B 89 -17.96 -13.16 -25.98
C VAL B 89 -18.80 -14.34 -26.44
N VAL B 90 -18.29 -15.11 -27.40
CA VAL B 90 -19.04 -16.18 -28.02
C VAL B 90 -18.26 -17.48 -27.86
N GLU B 91 -18.96 -18.53 -27.43
CA GLU B 91 -18.35 -19.84 -27.20
C GLU B 91 -18.68 -20.77 -28.36
N LEU B 92 -17.67 -21.45 -28.88
CA LEU B 92 -17.79 -22.32 -30.03
C LEU B 92 -17.71 -23.77 -29.57
N LYS B 93 -18.80 -24.50 -29.75
CA LYS B 93 -18.89 -25.90 -29.35
C LYS B 93 -18.65 -26.82 -30.53
N ILE B 94 -18.14 -28.01 -30.25
CA ILE B 94 -18.02 -29.05 -31.26
C ILE B 94 -19.33 -29.83 -31.32
#